data_5CI0
#
_entry.id   5CI0
#
_cell.length_a   91.613
_cell.length_b   91.613
_cell.length_c   205.650
_cell.angle_alpha   90.00
_cell.angle_beta   90.00
_cell.angle_gamma   120.00
#
_symmetry.space_group_name_H-M   'P 61 2 2'
#
loop_
_entity.id
_entity.type
_entity.pdbx_description
1 polymer 'Ribonucleoside-diphosphate reductase 1, beta subunit, ferritin-like protein'
2 non-polymer MU-OXO-DIIRON
3 non-polymer 'SULFATE ION'
4 water water
#
_entity_poly.entity_id   1
_entity_poly.type   'polypeptide(L)'
_entity_poly.pdbx_seq_one_letter_code
;AYTTFSQTKNDQLKEPMFFGQPVNVARYDQQKYDIFEKLIEKQLSFFWRPEEVDVSRDRIDYQALPEHEKHIFISNLKYQ
TLLDSIQGRSPNVALLPLISIPELETWVETWAFSETIHSRS(F2Y)THIIRNIVNDPSVVFDDIVTNEQIQKRAEGISSY
YDELIEMTSYWHLLGEGTHTVNGKTVTVSLRELKKKLYLCLMSVNALEAIRFYVSFACSFAFAERELMEGNAKIIRLIAR
DEALHLTGTQHMLNLLRSGADDPEMAEIAEECKQECYDLFVQAAQQEKDWADYLFRDGSMIGLNKDILCQYVEYITNIRM
QAVGLDLPFQTRSNPIPWINTWLVSDNVQVAPQEVEVSSYLVGQIDSEVDTDDLSNFQL
;
_entity_poly.pdbx_strand_id   A
#
loop_
_chem_comp.id
_chem_comp.type
_chem_comp.name
_chem_comp.formula
FEO non-polymer MU-OXO-DIIRON 'Fe2 O'
SO4 non-polymer 'SULFATE ION' 'O4 S -2'
#
# COMPACT_ATOMS: atom_id res chain seq x y z
N ALA A 1 16.29 21.23 8.16
CA ALA A 1 17.67 20.87 7.95
C ALA A 1 17.81 19.80 6.87
N TYR A 2 16.80 19.73 5.99
CA TYR A 2 16.89 18.81 4.86
C TYR A 2 17.72 19.43 3.75
N THR A 3 18.67 18.65 3.23
CA THR A 3 19.50 19.08 2.12
C THR A 3 19.39 18.08 0.98
N THR A 4 19.18 18.60 -0.23
CA THR A 4 19.07 17.75 -1.41
C THR A 4 20.43 17.21 -1.84
N PHE A 5 21.50 17.79 -1.29
CA PHE A 5 22.82 17.19 -1.40
C PHE A 5 23.66 17.51 -0.17
N SER A 6 23.60 16.61 0.82
CA SER A 6 24.37 16.75 2.04
C SER A 6 25.86 16.73 1.74
N GLN A 7 26.59 17.61 2.40
CA GLN A 7 27.98 17.90 2.04
C GLN A 7 29.01 16.99 2.70
N THR A 8 28.57 16.11 3.58
CA THR A 8 29.51 15.26 4.31
C THR A 8 29.78 13.96 3.55
N LYS A 9 31.06 13.58 3.46
CA LYS A 9 31.44 12.32 2.82
C LYS A 9 31.24 11.15 3.78
N ASN A 10 29.99 10.67 3.85
CA ASN A 10 29.68 9.58 4.77
C ASN A 10 29.76 8.22 4.11
N ASP A 11 29.89 7.18 4.94
CA ASP A 11 29.88 5.80 4.46
C ASP A 11 28.43 5.30 4.45
N GLN A 12 27.83 5.34 3.27
CA GLN A 12 26.41 5.01 3.11
C GLN A 12 26.08 3.57 3.53
N LEU A 13 27.10 2.73 3.67
CA LEU A 13 26.90 1.35 4.11
C LEU A 13 26.62 1.28 5.61
N LYS A 14 27.04 2.31 6.34
CA LYS A 14 26.89 2.33 7.80
C LYS A 14 25.80 3.29 8.27
N GLU A 15 25.03 3.83 7.34
CA GLU A 15 23.90 4.68 7.68
C GLU A 15 22.68 3.84 8.01
N PRO A 16 21.77 4.37 8.85
CA PRO A 16 20.50 3.67 9.04
C PRO A 16 19.60 3.87 7.84
N MET A 17 18.55 3.07 7.71
CA MET A 17 17.59 3.24 6.63
C MET A 17 16.96 4.63 6.69
N PHE A 18 16.56 5.04 7.89
CA PHE A 18 15.85 6.30 8.07
C PHE A 18 16.52 7.19 9.11
N PHE A 19 16.30 8.50 8.95
CA PHE A 19 16.70 9.53 9.91
C PHE A 19 18.21 9.74 10.02
N GLY A 20 18.99 9.10 9.14
CA GLY A 20 20.42 9.34 9.10
C GLY A 20 20.73 10.56 8.27
N GLN A 21 21.97 10.67 7.80
CA GLN A 21 22.33 11.77 6.91
C GLN A 21 21.64 11.58 5.57
N PRO A 22 20.93 12.63 5.10
CA PRO A 22 20.29 12.60 3.78
C PRO A 22 21.26 12.12 2.72
N VAL A 23 20.79 11.28 1.82
CA VAL A 23 21.64 10.71 0.77
C VAL A 23 22.19 11.81 -0.12
N ASN A 24 23.51 11.83 -0.32
CA ASN A 24 24.09 12.76 -1.29
C ASN A 24 24.21 12.09 -2.65
N VAL A 25 25.26 11.30 -2.87
CA VAL A 25 25.48 10.68 -4.16
C VAL A 25 24.64 9.41 -4.32
N ALA A 26 23.90 9.35 -5.42
CA ALA A 26 23.14 8.15 -5.76
C ALA A 26 24.05 7.17 -6.49
N ARG A 27 24.44 6.11 -5.78
CA ARG A 27 25.29 5.07 -6.33
C ARG A 27 24.61 3.71 -6.16
N TYR A 28 24.89 2.79 -7.08
CA TYR A 28 24.20 1.51 -7.06
C TYR A 28 25.18 0.35 -7.23
N ASP A 29 26.45 0.61 -6.91
CA ASP A 29 27.49 -0.40 -6.98
C ASP A 29 27.53 -1.21 -5.69
N GLN A 30 26.91 -0.68 -4.64
CA GLN A 30 26.91 -1.31 -3.32
C GLN A 30 25.61 -1.01 -2.60
N GLN A 31 25.28 -1.86 -1.63
N GLN A 31 25.32 -1.80 -1.57
CA GLN A 31 24.09 -1.69 -0.81
CA GLN A 31 24.09 -1.62 -0.82
C GLN A 31 24.36 -2.08 0.63
C GLN A 31 24.19 -2.20 0.58
N LYS A 32 23.59 -1.52 1.55
CA LYS A 32 23.57 -2.01 2.92
C LYS A 32 22.62 -3.20 2.95
N TYR A 33 21.48 -3.03 2.29
CA TYR A 33 20.49 -4.09 2.16
C TYR A 33 20.18 -4.33 0.69
N ASP A 34 20.67 -5.43 0.13
CA ASP A 34 20.52 -5.68 -1.31
C ASP A 34 19.10 -6.04 -1.72
N ILE A 35 18.22 -6.20 -0.73
CA ILE A 35 16.82 -6.50 -1.02
C ILE A 35 16.18 -5.37 -1.82
N PHE A 36 16.55 -4.13 -1.52
CA PHE A 36 15.93 -2.98 -2.16
C PHE A 36 16.46 -2.80 -3.57
N GLU A 37 17.72 -3.17 -3.79
CA GLU A 37 18.27 -3.18 -5.14
C GLU A 37 17.58 -4.26 -5.99
N LYS A 38 17.30 -5.40 -5.37
CA LYS A 38 16.60 -6.48 -6.07
C LYS A 38 15.17 -6.09 -6.42
N LEU A 39 14.51 -5.38 -5.52
CA LEU A 39 13.15 -4.90 -5.76
C LEU A 39 13.11 -3.89 -6.91
N ILE A 40 14.05 -2.95 -6.90
CA ILE A 40 14.20 -2.00 -8.01
C ILE A 40 14.34 -2.76 -9.33
N GLU A 41 15.25 -3.72 -9.34
CA GLU A 41 15.52 -4.52 -10.53
C GLU A 41 14.27 -5.25 -11.04
N LYS A 42 13.57 -5.91 -10.13
CA LYS A 42 12.36 -6.65 -10.48
C LYS A 42 11.26 -5.74 -10.99
N GLN A 43 11.05 -4.62 -10.32
CA GLN A 43 10.01 -3.67 -10.71
C GLN A 43 10.32 -3.04 -12.07
N LEU A 44 11.59 -2.74 -12.31
CA LEU A 44 12.01 -2.26 -13.62
C LEU A 44 11.72 -3.31 -14.70
N SER A 45 11.95 -4.58 -14.36
CA SER A 45 11.75 -5.66 -15.31
C SER A 45 10.26 -5.87 -15.59
N PHE A 46 9.40 -5.45 -14.66
CA PHE A 46 7.97 -5.65 -14.79
C PHE A 46 7.27 -4.52 -15.57
N PHE A 47 8.02 -3.46 -15.87
CA PHE A 47 7.45 -2.24 -16.46
C PHE A 47 6.44 -2.53 -17.57
N TRP A 48 5.21 -2.06 -17.36
CA TRP A 48 4.13 -2.26 -18.32
C TRP A 48 3.33 -0.97 -18.52
N ARG A 49 2.54 -0.94 -19.59
CA ARG A 49 1.70 0.22 -19.87
C ARG A 49 0.25 -0.21 -20.05
N PRO A 50 -0.66 0.40 -19.28
CA PRO A 50 -2.08 0.05 -19.18
C PRO A 50 -2.78 -0.13 -20.53
N GLU A 51 -2.45 0.71 -21.49
CA GLU A 51 -3.17 0.75 -22.75
C GLU A 51 -2.68 -0.33 -23.72
N GLU A 52 -1.72 -1.14 -23.27
CA GLU A 52 -1.43 -2.41 -23.92
C GLU A 52 -2.69 -3.26 -23.91
N VAL A 53 -3.32 -3.30 -22.74
CA VAL A 53 -4.46 -4.18 -22.49
C VAL A 53 -5.75 -3.66 -23.10
N ASP A 54 -6.39 -4.50 -23.90
CA ASP A 54 -7.67 -4.19 -24.52
C ASP A 54 -8.81 -4.39 -23.52
N VAL A 55 -9.42 -3.31 -23.08
CA VAL A 55 -10.51 -3.39 -22.12
C VAL A 55 -11.87 -3.09 -22.77
N SER A 56 -11.91 -3.13 -24.09
CA SER A 56 -13.11 -2.78 -24.86
C SER A 56 -14.32 -3.64 -24.49
N ARG A 57 -14.10 -4.95 -24.42
CA ARG A 57 -15.19 -5.89 -24.15
C ARG A 57 -15.79 -5.69 -22.76
N ASP A 58 -15.02 -5.03 -21.89
CA ASP A 58 -15.48 -4.80 -20.53
C ASP A 58 -16.63 -3.81 -20.48
N ARG A 59 -16.73 -2.93 -21.49
CA ARG A 59 -17.86 -2.01 -21.56
C ARG A 59 -19.15 -2.79 -21.73
N ILE A 60 -19.14 -3.76 -22.64
CA ILE A 60 -20.32 -4.56 -22.92
C ILE A 60 -20.74 -5.37 -21.70
N ASP A 61 -19.77 -6.05 -21.08
CA ASP A 61 -20.05 -6.84 -19.88
C ASP A 61 -20.62 -5.97 -18.79
N TYR A 62 -20.03 -4.78 -18.59
CA TYR A 62 -20.44 -3.90 -17.52
C TYR A 62 -21.89 -3.45 -17.69
N GLN A 63 -22.24 -3.02 -18.90
CA GLN A 63 -23.60 -2.59 -19.20
C GLN A 63 -24.60 -3.74 -19.00
N ALA A 64 -24.14 -4.96 -19.27
CA ALA A 64 -25.00 -6.14 -19.15
C ALA A 64 -25.17 -6.57 -17.69
N LEU A 65 -24.29 -6.10 -16.82
CA LEU A 65 -24.34 -6.46 -15.41
C LEU A 65 -25.64 -5.97 -14.76
N PRO A 66 -26.22 -6.80 -13.88
CA PRO A 66 -27.31 -6.33 -13.03
C PRO A 66 -26.87 -5.14 -12.21
N GLU A 67 -27.80 -4.27 -11.83
CA GLU A 67 -27.46 -3.04 -11.11
C GLU A 67 -26.59 -3.30 -9.87
N HIS A 68 -26.89 -4.33 -9.10
CA HIS A 68 -26.13 -4.60 -7.89
C HIS A 68 -24.73 -5.12 -8.22
N GLU A 69 -24.60 -5.80 -9.36
CA GLU A 69 -23.28 -6.26 -9.79
C GLU A 69 -22.45 -5.10 -10.33
N LYS A 70 -23.10 -4.13 -10.95
CA LYS A 70 -22.45 -2.88 -11.33
C LYS A 70 -21.91 -2.21 -10.07
N HIS A 71 -22.76 -2.15 -9.04
CA HIS A 71 -22.39 -1.56 -7.76
C HIS A 71 -21.17 -2.23 -7.17
N ILE A 72 -21.15 -3.55 -7.20
CA ILE A 72 -20.01 -4.31 -6.70
C ILE A 72 -18.74 -3.93 -7.46
N PHE A 73 -18.80 -3.99 -8.78
CA PHE A 73 -17.60 -3.75 -9.59
C PHE A 73 -17.11 -2.31 -9.48
N ILE A 74 -18.02 -1.34 -9.59
CA ILE A 74 -17.61 0.05 -9.65
C ILE A 74 -17.17 0.56 -8.26
N SER A 75 -17.76 0.01 -7.21
CA SER A 75 -17.33 0.37 -5.85
C SER A 75 -15.90 -0.12 -5.63
N ASN A 76 -15.65 -1.36 -6.07
CA ASN A 76 -14.33 -1.96 -6.02
C ASN A 76 -13.32 -1.11 -6.79
N LEU A 77 -13.67 -0.77 -8.02
CA LEU A 77 -12.83 0.05 -8.88
C LEU A 77 -12.48 1.39 -8.25
N LYS A 78 -13.50 2.06 -7.71
CA LYS A 78 -13.32 3.36 -7.05
C LYS A 78 -12.41 3.28 -5.83
N TYR A 79 -12.53 2.20 -5.06
CA TYR A 79 -11.71 2.02 -3.85
C TYR A 79 -10.24 1.90 -4.23
N GLN A 80 -9.95 1.08 -5.24
CA GLN A 80 -8.59 0.92 -5.75
C GLN A 80 -8.01 2.24 -6.23
N THR A 81 -8.82 3.02 -6.95
CA THR A 81 -8.39 4.29 -7.50
C THR A 81 -8.06 5.26 -6.36
N LEU A 82 -8.85 5.19 -5.29
CA LEU A 82 -8.58 5.97 -4.10
C LEU A 82 -7.23 5.56 -3.52
N LEU A 83 -7.06 4.28 -3.27
CA LEU A 83 -5.86 3.74 -2.62
C LEU A 83 -4.57 4.12 -3.35
N ASP A 84 -4.52 3.95 -4.67
CA ASP A 84 -3.28 4.22 -5.39
C ASP A 84 -3.16 5.67 -5.85
N SER A 85 -4.19 6.48 -5.61
CA SER A 85 -4.05 7.93 -5.72
C SER A 85 -3.16 8.36 -4.57
N ILE A 86 -3.39 7.74 -3.41
CA ILE A 86 -2.61 7.99 -2.22
C ILE A 86 -1.22 7.36 -2.34
N GLN A 87 -1.18 6.13 -2.82
CA GLN A 87 0.09 5.43 -2.99
C GLN A 87 0.94 6.01 -4.12
N GLY A 88 0.28 6.74 -5.03
CA GLY A 88 0.99 7.42 -6.09
C GLY A 88 1.97 8.43 -5.53
N ARG A 89 1.49 9.28 -4.63
CA ARG A 89 2.28 10.41 -4.15
C ARG A 89 2.95 10.20 -2.79
N SER A 90 2.30 9.43 -1.91
CA SER A 90 2.67 9.43 -0.49
C SER A 90 4.02 8.80 -0.13
N PRO A 91 4.40 7.66 -0.75
CA PRO A 91 5.75 7.15 -0.46
C PRO A 91 6.83 8.17 -0.76
N ASN A 92 6.68 8.94 -1.83
CA ASN A 92 7.63 9.99 -2.15
C ASN A 92 7.61 11.12 -1.13
N VAL A 93 6.43 11.67 -0.88
CA VAL A 93 6.30 12.81 0.01
C VAL A 93 6.70 12.47 1.46
N ALA A 94 6.22 11.34 1.95
CA ALA A 94 6.41 10.98 3.36
C ALA A 94 7.77 10.38 3.67
N LEU A 95 8.28 9.54 2.77
CA LEU A 95 9.48 8.75 3.09
C LEU A 95 10.80 9.34 2.58
N LEU A 96 10.79 9.94 1.38
CA LEU A 96 12.02 10.48 0.79
C LEU A 96 12.82 11.40 1.71
N PRO A 97 12.18 12.40 2.37
CA PRO A 97 12.99 13.29 3.21
C PRO A 97 13.63 12.62 4.42
N LEU A 98 13.27 11.37 4.67
CA LEU A 98 13.74 10.66 5.86
C LEU A 98 14.76 9.58 5.55
N ILE A 99 14.86 9.18 4.29
CA ILE A 99 15.74 8.09 3.88
C ILE A 99 17.21 8.51 3.90
N SER A 100 18.08 7.60 4.35
CA SER A 100 19.51 7.91 4.46
C SER A 100 20.41 6.89 3.78
N ILE A 101 19.83 6.00 2.99
CA ILE A 101 20.63 5.09 2.15
C ILE A 101 20.09 5.09 0.72
N PRO A 102 21.01 5.13 -0.26
CA PRO A 102 20.69 5.30 -1.68
C PRO A 102 19.74 4.26 -2.26
N GLU A 103 19.96 2.97 -1.94
CA GLU A 103 19.15 1.92 -2.54
C GLU A 103 17.70 1.98 -2.05
N LEU A 104 17.49 2.46 -0.82
CA LEU A 104 16.13 2.59 -0.30
C LEU A 104 15.45 3.80 -0.92
N GLU A 105 16.22 4.87 -1.12
CA GLU A 105 15.70 6.10 -1.73
C GLU A 105 15.17 5.83 -3.12
N THR A 106 15.94 5.12 -3.93
CA THR A 106 15.57 4.83 -5.31
C THR A 106 14.43 3.81 -5.37
N TRP A 107 14.39 2.89 -4.41
CA TRP A 107 13.28 1.94 -4.38
C TRP A 107 11.96 2.65 -4.15
N VAL A 108 11.95 3.61 -3.23
CA VAL A 108 10.73 4.35 -2.91
C VAL A 108 10.24 5.15 -4.12
N GLU A 109 11.19 5.77 -4.82
CA GLU A 109 10.84 6.54 -6.01
C GLU A 109 10.32 5.62 -7.13
N THR A 110 10.93 4.44 -7.24
CA THR A 110 10.51 3.45 -8.24
C THR A 110 9.14 2.88 -7.89
N TRP A 111 8.96 2.61 -6.60
CA TRP A 111 7.72 2.15 -6.03
C TRP A 111 6.57 3.10 -6.37
N ALA A 112 6.73 4.37 -5.99
CA ALA A 112 5.69 5.38 -6.20
C ALA A 112 5.39 5.57 -7.68
N PHE A 113 6.43 5.53 -8.51
CA PHE A 113 6.24 5.62 -9.95
C PHE A 113 5.34 4.50 -10.48
N SER A 114 5.60 3.27 -10.03
CA SER A 114 4.81 2.14 -10.48
C SER A 114 3.35 2.30 -10.07
N GLU A 115 3.11 3.03 -8.97
CA GLU A 115 1.75 3.33 -8.54
C GLU A 115 1.04 4.29 -9.48
N THR A 116 1.77 5.28 -10.01
CA THR A 116 1.18 6.20 -10.96
C THR A 116 0.72 5.44 -12.19
N ILE A 117 1.45 4.38 -12.55
CA ILE A 117 1.07 3.52 -13.65
C ILE A 117 -0.24 2.79 -13.33
N HIS A 118 -0.38 2.36 -12.07
CA HIS A 118 -1.61 1.72 -11.63
C HIS A 118 -2.77 2.70 -11.73
N SER A 119 -2.56 3.92 -11.25
CA SER A 119 -3.59 4.96 -11.33
C SER A 119 -3.99 5.24 -12.77
N ARG A 120 -2.99 5.25 -13.66
CA ARG A 120 -3.26 5.46 -15.07
C ARG A 120 -4.05 4.29 -15.66
N SER A 121 -3.81 3.10 -15.12
CA SER A 121 -4.55 1.92 -15.57
C SER A 121 -6.00 2.01 -15.13
C F2Y A 122 -8.38 3.78 -14.29
O F2Y A 122 -9.53 3.54 -14.56
CA F2Y A 122 -7.58 2.82 -13.44
N F2Y A 122 -6.22 2.62 -13.97
CB F2Y A 122 -7.64 3.06 -11.94
CG F2Y A 122 -7.14 1.91 -11.08
CD1 F2Y A 122 -6.20 2.13 -10.07
CE1 F2Y A 122 -5.76 1.07 -9.30
F1 F2Y A 122 -4.84 1.28 -8.32
CD2 F2Y A 122 -7.62 0.64 -11.30
CE2 F2Y A 122 -7.19 -0.42 -10.52
F2 F2Y A 122 -7.64 -1.62 -10.72
CZ F2Y A 122 -6.24 -0.20 -9.52
OH F2Y A 122 -5.80 -1.27 -8.73
N THR A 123 -7.74 4.87 -14.72
CA THR A 123 -8.37 5.80 -15.64
C THR A 123 -8.75 5.10 -16.94
N HIS A 124 -7.82 4.28 -17.44
CA HIS A 124 -8.01 3.50 -18.66
C HIS A 124 -9.26 2.63 -18.59
N ILE A 125 -9.43 1.93 -17.47
CA ILE A 125 -10.60 1.08 -17.27
C ILE A 125 -11.89 1.89 -17.18
N ILE A 126 -11.88 2.93 -16.35
CA ILE A 126 -13.05 3.76 -16.12
C ILE A 126 -13.56 4.42 -17.41
N ARG A 127 -12.65 5.02 -18.18
CA ARG A 127 -13.00 5.67 -19.46
C ARG A 127 -13.73 4.73 -20.40
N ASN A 128 -13.37 3.46 -20.36
CA ASN A 128 -13.88 2.49 -21.30
C ASN A 128 -15.22 1.85 -20.92
N ILE A 129 -15.56 1.84 -19.64
CA ILE A 129 -16.76 1.13 -19.22
C ILE A 129 -17.92 2.06 -18.84
N VAL A 130 -17.63 3.29 -18.44
CA VAL A 130 -18.71 4.23 -18.13
C VAL A 130 -18.81 5.33 -19.18
N ASN A 131 -19.96 5.99 -19.24
CA ASN A 131 -20.18 7.05 -20.20
C ASN A 131 -19.66 8.39 -19.68
N ASP A 132 -19.82 8.62 -18.38
CA ASP A 132 -19.32 9.84 -17.74
C ASP A 132 -18.34 9.49 -16.62
N PRO A 133 -17.05 9.45 -16.94
CA PRO A 133 -15.99 9.19 -15.96
C PRO A 133 -15.97 10.17 -14.79
N SER A 134 -16.38 11.41 -15.03
CA SER A 134 -16.37 12.44 -14.00
C SER A 134 -17.22 12.05 -12.78
N VAL A 135 -18.34 11.38 -13.04
CA VAL A 135 -19.22 10.91 -11.98
C VAL A 135 -18.48 9.93 -11.08
N VAL A 136 -17.76 9.00 -11.70
CA VAL A 136 -16.99 8.00 -10.97
C VAL A 136 -15.89 8.66 -10.12
N PHE A 137 -15.10 9.52 -10.74
CA PHE A 137 -13.98 10.16 -10.06
C PHE A 137 -14.45 11.06 -8.91
N ASP A 138 -15.58 11.74 -9.11
CA ASP A 138 -16.12 12.62 -8.07
C ASP A 138 -16.60 11.81 -6.86
N ASP A 139 -17.23 10.67 -7.12
CA ASP A 139 -17.77 9.84 -6.05
C ASP A 139 -16.65 9.28 -5.17
N ILE A 140 -15.46 9.15 -5.74
CA ILE A 140 -14.30 8.70 -4.97
C ILE A 140 -14.01 9.65 -3.80
N VAL A 141 -14.29 10.93 -4.01
CA VAL A 141 -14.06 11.93 -2.96
C VAL A 141 -15.24 12.07 -2.00
N THR A 142 -16.46 11.92 -2.53
CA THR A 142 -17.65 12.22 -1.74
C THR A 142 -18.38 10.99 -1.17
N ASN A 143 -18.03 9.79 -1.64
CA ASN A 143 -18.64 8.57 -1.14
C ASN A 143 -18.39 8.39 0.36
N GLU A 144 -19.46 8.28 1.13
CA GLU A 144 -19.34 8.16 2.59
C GLU A 144 -18.44 7.01 3.02
N GLN A 145 -18.62 5.86 2.39
CA GLN A 145 -17.82 4.68 2.73
C GLN A 145 -16.35 4.84 2.35
N ILE A 146 -16.12 5.20 1.09
CA ILE A 146 -14.76 5.39 0.59
C ILE A 146 -14.03 6.47 1.40
N GLN A 147 -14.76 7.54 1.72
CA GLN A 147 -14.19 8.68 2.45
C GLN A 147 -13.66 8.27 3.82
N LYS A 148 -14.36 7.36 4.49
CA LYS A 148 -13.93 6.91 5.82
C LYS A 148 -12.59 6.20 5.74
N ARG A 149 -12.40 5.42 4.68
CA ARG A 149 -11.14 4.71 4.49
C ARG A 149 -10.01 5.66 4.12
N ALA A 150 -10.29 6.64 3.27
CA ALA A 150 -9.29 7.61 2.84
C ALA A 150 -8.75 8.41 4.02
N GLU A 151 -9.65 8.86 4.89
CA GLU A 151 -9.28 9.66 6.06
C GLU A 151 -8.30 8.93 6.99
N GLY A 152 -8.62 7.69 7.33
CA GLY A 152 -7.78 6.92 8.23
C GLY A 152 -6.42 6.61 7.62
N ILE A 153 -6.43 6.14 6.37
CA ILE A 153 -5.20 5.77 5.68
C ILE A 153 -4.28 6.97 5.44
N SER A 154 -4.86 8.10 5.05
CA SER A 154 -4.05 9.29 4.77
C SER A 154 -3.47 9.90 6.04
N SER A 155 -4.17 9.72 7.16
CA SER A 155 -3.74 10.33 8.42
C SER A 155 -2.38 9.81 8.88
N TYR A 156 -2.13 8.53 8.64
CA TYR A 156 -0.84 7.94 8.99
C TYR A 156 0.29 8.61 8.20
N TYR A 157 0.01 8.91 6.94
CA TYR A 157 0.97 9.63 6.11
C TYR A 157 1.11 11.08 6.55
N ASP A 158 -0.02 11.75 6.74
CA ASP A 158 -0.04 13.18 7.03
C ASP A 158 0.67 13.52 8.34
N GLU A 159 0.44 12.70 9.37
CA GLU A 159 1.06 12.93 10.66
C GLU A 159 2.56 12.72 10.60
N LEU A 160 3.00 11.76 9.79
CA LEU A 160 4.42 11.52 9.61
C LEU A 160 5.08 12.70 8.91
N ILE A 161 4.42 13.19 7.86
CA ILE A 161 4.94 14.31 7.08
C ILE A 161 5.08 15.58 7.90
N GLU A 162 4.03 15.92 8.65
CA GLU A 162 4.03 17.14 9.45
C GLU A 162 5.09 17.09 10.56
N MET A 163 5.19 15.94 11.23
CA MET A 163 6.18 15.78 12.28
C MET A 163 7.59 15.80 11.69
N THR A 164 7.70 15.31 10.46
CA THR A 164 8.95 15.37 9.72
C THR A 164 9.37 16.83 9.50
N SER A 165 8.43 17.64 9.05
CA SER A 165 8.68 19.06 8.79
C SER A 165 9.16 19.78 10.04
N TYR A 166 8.50 19.52 11.16
CA TYR A 166 8.92 20.11 12.43
C TYR A 166 10.33 19.69 12.78
N TRP A 167 10.63 18.41 12.57
CA TRP A 167 11.94 17.85 12.89
C TRP A 167 13.05 18.48 12.05
N HIS A 168 12.79 18.63 10.76
CA HIS A 168 13.75 19.26 9.86
C HIS A 168 13.95 20.73 10.21
N LEU A 169 12.85 21.42 10.49
CA LEU A 169 12.88 22.85 10.76
C LEU A 169 13.39 23.18 12.17
N LEU A 170 12.95 22.41 13.16
CA LEU A 170 13.19 22.77 14.56
C LEU A 170 14.25 21.92 15.25
N GLY A 171 14.47 20.70 14.77
CA GLY A 171 15.37 19.78 15.44
C GLY A 171 14.77 19.27 16.73
N GLU A 172 15.49 18.39 17.42
CA GLU A 172 14.97 17.76 18.63
C GLU A 172 14.92 18.71 19.81
N GLY A 173 13.93 18.54 20.67
CA GLY A 173 13.80 19.36 21.88
C GLY A 173 12.41 19.92 22.09
N THR A 174 12.30 20.85 23.03
CA THR A 174 11.03 21.52 23.32
C THR A 174 11.07 22.96 22.80
N HIS A 175 10.07 23.33 22.00
CA HIS A 175 10.12 24.61 21.29
C HIS A 175 8.92 25.51 21.54
N THR A 176 9.09 26.79 21.22
CA THR A 176 8.04 27.80 21.35
C THR A 176 7.55 28.25 19.99
N VAL A 177 6.28 27.99 19.68
CA VAL A 177 5.70 28.40 18.41
C VAL A 177 4.42 29.22 18.63
N ASN A 178 4.51 30.52 18.36
CA ASN A 178 3.41 31.45 18.56
C ASN A 178 2.85 31.42 19.98
N GLY A 179 3.69 31.07 20.94
CA GLY A 179 3.29 31.02 22.33
C GLY A 179 2.79 29.66 22.78
N LYS A 180 2.96 28.65 21.92
CA LYS A 180 2.58 27.29 22.27
C LYS A 180 3.82 26.42 22.43
N THR A 181 3.67 25.33 23.18
CA THR A 181 4.78 24.39 23.38
C THR A 181 4.80 23.33 22.29
N VAL A 182 5.92 23.24 21.57
CA VAL A 182 6.10 22.20 20.57
C VAL A 182 7.31 21.36 20.93
N THR A 183 7.08 20.11 21.32
CA THR A 183 8.17 19.20 21.65
C THR A 183 8.46 18.27 20.48
N VAL A 184 9.68 18.35 19.97
CA VAL A 184 10.11 17.48 18.89
C VAL A 184 10.93 16.32 19.44
N SER A 185 10.47 15.10 19.19
CA SER A 185 11.15 13.91 19.68
C SER A 185 11.43 12.94 18.54
N LEU A 186 12.70 12.61 18.34
CA LEU A 186 13.09 11.66 17.30
C LEU A 186 12.46 10.30 17.55
N ARG A 187 12.37 9.94 18.82
CA ARG A 187 11.76 8.67 19.21
C ARG A 187 10.29 8.61 18.79
N GLU A 188 9.57 9.70 19.00
CA GLU A 188 8.18 9.82 18.58
C GLU A 188 8.07 9.75 17.05
N LEU A 189 8.94 10.49 16.36
CA LEU A 189 8.96 10.52 14.91
C LEU A 189 9.23 9.13 14.34
N LYS A 190 10.17 8.41 14.97
CA LYS A 190 10.47 7.05 14.59
C LYS A 190 9.24 6.15 14.73
N LYS A 191 8.43 6.44 15.75
CA LYS A 191 7.21 5.70 15.99
C LYS A 191 6.16 6.00 14.92
N LYS A 192 6.03 7.29 14.57
CA LYS A 192 5.10 7.70 13.52
C LYS A 192 5.40 6.99 12.21
N LEU A 193 6.69 6.84 11.91
CA LEU A 193 7.11 6.16 10.70
C LEU A 193 6.75 4.67 10.75
N TYR A 194 7.09 4.03 11.86
CA TYR A 194 6.84 2.59 12.03
C TYR A 194 5.36 2.27 11.86
N LEU A 195 4.51 3.04 12.54
CA LEU A 195 3.07 2.87 12.43
C LEU A 195 2.58 3.12 11.00
N CYS A 196 3.11 4.16 10.38
CA CYS A 196 2.76 4.47 9.00
C CYS A 196 3.12 3.32 8.09
N LEU A 197 4.33 2.80 8.23
CA LEU A 197 4.78 1.65 7.46
C LEU A 197 3.92 0.42 7.72
N MET A 198 3.49 0.25 8.97
CA MET A 198 2.57 -0.83 9.30
C MET A 198 1.26 -0.67 8.54
N SER A 199 0.74 0.55 8.55
CA SER A 199 -0.50 0.86 7.85
C SER A 199 -0.39 0.60 6.35
N VAL A 200 0.71 1.07 5.75
CA VAL A 200 0.93 0.89 4.32
C VAL A 200 1.10 -0.59 3.97
N ASN A 201 1.70 -1.35 4.88
CA ASN A 201 1.82 -2.79 4.68
C ASN A 201 0.44 -3.41 4.63
N ALA A 202 -0.43 -3.03 5.57
CA ALA A 202 -1.81 -3.48 5.57
C ALA A 202 -2.54 -3.08 4.30
N LEU A 203 -2.31 -1.84 3.87
CA LEU A 203 -2.92 -1.30 2.65
C LEU A 203 -2.65 -2.19 1.45
N GLU A 204 -1.37 -2.49 1.23
CA GLU A 204 -0.96 -3.20 0.03
C GLU A 204 -1.07 -4.72 0.15
N ALA A 205 -0.83 -5.25 1.35
CA ALA A 205 -0.81 -6.71 1.53
C ALA A 205 -2.19 -7.27 1.85
N ILE A 206 -3.08 -6.46 2.38
CA ILE A 206 -4.41 -6.94 2.75
C ILE A 206 -5.53 -6.27 1.96
N ARG A 207 -5.65 -4.95 2.10
CA ARG A 207 -6.73 -4.20 1.49
C ARG A 207 -6.82 -4.43 -0.02
N PHE A 208 -5.70 -4.30 -0.71
CA PHE A 208 -5.68 -4.48 -2.16
C PHE A 208 -5.96 -5.93 -2.56
N TYR A 209 -5.51 -6.89 -1.77
CA TYR A 209 -5.73 -8.29 -2.09
C TYR A 209 -7.19 -8.68 -1.89
N VAL A 210 -7.87 -7.99 -0.98
CA VAL A 210 -9.31 -8.16 -0.85
C VAL A 210 -9.98 -7.70 -2.14
N SER A 211 -9.48 -6.61 -2.70
CA SER A 211 -10.01 -6.08 -3.95
C SER A 211 -9.71 -6.96 -5.16
N PHE A 212 -8.50 -7.52 -5.21
CA PHE A 212 -8.12 -8.47 -6.26
C PHE A 212 -9.12 -9.62 -6.34
N ALA A 213 -9.57 -10.10 -5.18
CA ALA A 213 -10.53 -11.20 -5.11
C ALA A 213 -11.83 -10.81 -5.80
N CYS A 214 -12.30 -9.60 -5.54
N CYS A 214 -12.30 -9.61 -5.52
CA CYS A 214 -13.53 -9.09 -6.13
CA CYS A 214 -13.53 -9.11 -6.15
C CYS A 214 -13.42 -9.04 -7.66
C CYS A 214 -13.42 -9.07 -7.67
N SER A 215 -12.27 -8.58 -8.16
CA SER A 215 -12.04 -8.49 -9.59
C SER A 215 -11.94 -9.86 -10.25
N PHE A 216 -11.14 -10.74 -9.66
CA PHE A 216 -10.93 -12.06 -10.24
C PHE A 216 -12.18 -12.92 -10.15
N ALA A 217 -13.09 -12.57 -9.25
CA ALA A 217 -14.36 -13.26 -9.14
C ALA A 217 -15.20 -13.02 -10.39
N PHE A 218 -15.13 -11.81 -10.93
CA PHE A 218 -15.81 -11.50 -12.20
C PHE A 218 -15.18 -12.31 -13.33
N ALA A 219 -13.86 -12.38 -13.34
CA ALA A 219 -13.13 -13.08 -14.38
C ALA A 219 -13.42 -14.59 -14.34
N GLU A 220 -13.73 -15.09 -13.14
CA GLU A 220 -14.12 -16.49 -12.99
C GLU A 220 -15.44 -16.75 -13.69
N ARG A 221 -16.25 -15.70 -13.84
CA ARG A 221 -17.52 -15.79 -14.55
C ARG A 221 -17.35 -15.42 -16.02
N GLU A 222 -16.10 -15.24 -16.43
CA GLU A 222 -15.75 -14.81 -17.78
C GLU A 222 -16.36 -13.45 -18.09
N LEU A 223 -16.32 -12.57 -17.09
CA LEU A 223 -16.78 -11.21 -17.23
C LEU A 223 -15.68 -10.24 -16.80
N MET A 224 -15.65 -9.07 -17.43
CA MET A 224 -14.68 -8.02 -17.09
C MET A 224 -13.25 -8.55 -17.13
N GLU A 225 -12.91 -9.20 -18.25
CA GLU A 225 -11.65 -9.90 -18.38
C GLU A 225 -10.48 -8.97 -18.74
N GLY A 226 -10.80 -7.81 -19.32
CA GLY A 226 -9.78 -6.81 -19.60
C GLY A 226 -9.27 -6.27 -18.28
N ASN A 227 -10.21 -5.90 -17.41
CA ASN A 227 -9.91 -5.48 -16.06
C ASN A 227 -9.03 -6.48 -15.31
N ALA A 228 -9.40 -7.75 -15.37
CA ALA A 228 -8.67 -8.81 -14.68
C ALA A 228 -7.24 -8.96 -15.21
N LYS A 229 -7.08 -8.78 -16.51
CA LYS A 229 -5.76 -8.82 -17.14
C LYS A 229 -4.86 -7.74 -16.53
N ILE A 230 -5.45 -6.57 -16.28
CA ILE A 230 -4.74 -5.46 -15.67
C ILE A 230 -4.45 -5.72 -14.18
N ILE A 231 -5.45 -6.25 -13.47
CA ILE A 231 -5.28 -6.57 -12.06
C ILE A 231 -4.15 -7.58 -11.84
N ARG A 232 -3.96 -8.50 -12.79
CA ARG A 232 -2.87 -9.47 -12.71
C ARG A 232 -1.52 -8.78 -12.72
N LEU A 233 -1.37 -7.78 -13.60
CA LEU A 233 -0.13 -7.01 -13.69
C LEU A 233 0.05 -6.17 -12.43
N ILE A 234 -1.05 -5.60 -11.94
CA ILE A 234 -1.04 -4.81 -10.72
C ILE A 234 -0.66 -5.66 -9.51
N ALA A 235 -1.23 -6.86 -9.41
CA ALA A 235 -0.97 -7.76 -8.28
C ALA A 235 0.50 -8.19 -8.23
N ARG A 236 1.09 -8.41 -9.40
CA ARG A 236 2.50 -8.78 -9.51
C ARG A 236 3.40 -7.67 -8.96
N ASP A 237 3.04 -6.41 -9.25
CA ASP A 237 3.75 -5.28 -8.67
C ASP A 237 3.55 -5.21 -7.16
N GLU A 238 2.31 -5.42 -6.75
CA GLU A 238 1.92 -5.27 -5.35
C GLU A 238 2.68 -6.25 -4.45
N ALA A 239 3.00 -7.42 -4.98
CA ALA A 239 3.77 -8.41 -4.24
C ALA A 239 5.17 -7.87 -3.92
N LEU A 240 5.71 -7.06 -4.83
CA LEU A 240 7.00 -6.41 -4.61
C LEU A 240 6.88 -5.31 -3.56
N HIS A 241 5.82 -4.52 -3.67
CA HIS A 241 5.59 -3.39 -2.76
C HIS A 241 5.50 -3.86 -1.31
N LEU A 242 4.67 -4.87 -1.06
CA LEU A 242 4.48 -5.36 0.29
C LEU A 242 5.74 -6.05 0.80
N THR A 243 6.50 -6.64 -0.12
CA THR A 243 7.77 -7.26 0.24
C THR A 243 8.71 -6.18 0.75
N GLY A 244 8.67 -5.03 0.08
CA GLY A 244 9.49 -3.90 0.49
C GLY A 244 9.20 -3.44 1.90
N THR A 245 7.92 -3.23 2.20
CA THR A 245 7.54 -2.75 3.53
C THR A 245 7.74 -3.83 4.60
N GLN A 246 7.65 -5.09 4.20
CA GLN A 246 7.90 -6.20 5.13
C GLN A 246 9.35 -6.19 5.60
N HIS A 247 10.27 -5.91 4.67
CA HIS A 247 11.68 -5.88 5.00
C HIS A 247 12.04 -4.65 5.82
N MET A 248 11.46 -3.51 5.47
CA MET A 248 11.66 -2.29 6.26
C MET A 248 11.23 -2.52 7.70
N LEU A 249 10.01 -3.02 7.87
CA LEU A 249 9.46 -3.26 9.19
C LEU A 249 10.28 -4.26 10.00
N ASN A 250 10.65 -5.38 9.37
CA ASN A 250 11.39 -6.42 10.07
C ASN A 250 12.83 -6.01 10.38
N LEU A 251 13.44 -5.24 9.48
CA LEU A 251 14.79 -4.74 9.73
C LEU A 251 14.78 -3.71 10.84
N LEU A 252 13.67 -2.98 10.96
CA LEU A 252 13.55 -1.97 12.00
C LEU A 252 13.36 -2.58 13.39
N ARG A 253 12.51 -3.60 13.49
CA ARG A 253 12.21 -4.18 14.80
C ARG A 253 13.30 -5.14 15.28
N SER A 254 14.09 -5.67 14.35
CA SER A 254 15.19 -6.55 14.71
C SER A 254 16.27 -5.80 15.49
N GLY A 255 16.40 -4.51 15.22
CA GLY A 255 17.39 -3.69 15.90
C GLY A 255 18.74 -3.74 15.20
N ALA A 256 18.80 -4.46 14.09
CA ALA A 256 20.02 -4.58 13.30
C ALA A 256 20.38 -3.27 12.64
N ASP A 257 19.36 -2.55 12.18
CA ASP A 257 19.56 -1.28 11.49
C ASP A 257 19.71 -0.14 12.49
N ASP A 258 18.81 -0.11 13.47
CA ASP A 258 18.76 0.95 14.46
C ASP A 258 18.24 0.40 15.78
N PRO A 259 19.14 0.24 16.77
CA PRO A 259 18.81 -0.39 18.06
C PRO A 259 17.67 0.31 18.80
N GLU A 260 17.54 1.61 18.61
CA GLU A 260 16.45 2.37 19.24
C GLU A 260 15.10 1.93 18.70
N MET A 261 15.06 1.64 17.39
CA MET A 261 13.82 1.23 16.73
C MET A 261 13.31 -0.12 17.22
N ALA A 262 14.23 -0.96 17.70
CA ALA A 262 13.84 -2.26 18.24
C ALA A 262 12.96 -2.09 19.46
N GLU A 263 13.34 -1.15 20.31
CA GLU A 263 12.59 -0.86 21.54
C GLU A 263 11.27 -0.18 21.21
N ILE A 264 11.32 0.77 20.28
CA ILE A 264 10.14 1.50 19.85
C ILE A 264 9.11 0.57 19.22
N ALA A 265 9.60 -0.41 18.46
CA ALA A 265 8.71 -1.37 17.80
C ALA A 265 8.02 -2.26 18.81
N GLU A 266 8.72 -2.60 19.89
CA GLU A 266 8.13 -3.41 20.95
C GLU A 266 7.10 -2.60 21.73
N GLU A 267 7.46 -1.35 22.03
CA GLU A 267 6.57 -0.45 22.77
C GLU A 267 5.20 -0.30 22.11
N CYS A 268 5.17 -0.25 20.78
CA CYS A 268 3.92 -0.04 20.07
C CYS A 268 3.47 -1.29 19.31
N LYS A 269 3.92 -2.46 19.77
CA LYS A 269 3.56 -3.72 19.13
C LYS A 269 2.05 -3.96 19.22
N GLN A 270 1.45 -3.59 20.35
CA GLN A 270 0.01 -3.69 20.53
C GLN A 270 -0.71 -2.78 19.53
N GLU A 271 -0.21 -1.56 19.43
CA GLU A 271 -0.78 -0.55 18.53
C GLU A 271 -0.78 -1.02 17.08
N CYS A 272 0.31 -1.69 16.69
CA CYS A 272 0.42 -2.22 15.34
C CYS A 272 -0.59 -3.34 15.12
N TYR A 273 -0.72 -4.19 16.14
CA TYR A 273 -1.70 -5.26 16.12
C TYR A 273 -3.11 -4.68 15.96
N ASP A 274 -3.44 -3.70 16.80
CA ASP A 274 -4.74 -3.05 16.76
C ASP A 274 -5.00 -2.38 15.42
N LEU A 275 -3.94 -1.81 14.84
CA LEU A 275 -4.00 -1.18 13.53
C LEU A 275 -4.41 -2.18 12.46
N PHE A 276 -3.73 -3.31 12.42
CA PHE A 276 -3.99 -4.37 11.45
C PHE A 276 -5.38 -4.97 11.61
N VAL A 277 -5.83 -5.12 12.85
CA VAL A 277 -7.16 -5.65 13.14
C VAL A 277 -8.24 -4.69 12.66
N GLN A 278 -8.04 -3.41 12.97
CA GLN A 278 -8.98 -2.36 12.57
C GLN A 278 -9.12 -2.30 11.05
N ALA A 279 -8.02 -2.53 10.35
CA ALA A 279 -8.03 -2.55 8.89
C ALA A 279 -8.80 -3.75 8.36
N ALA A 280 -8.59 -4.91 8.99
CA ALA A 280 -9.29 -6.13 8.60
C ALA A 280 -10.79 -5.96 8.77
N GLN A 281 -11.18 -5.41 9.91
CA GLN A 281 -12.59 -5.16 10.21
C GLN A 281 -13.19 -4.17 9.22
N GLN A 282 -12.40 -3.18 8.83
CA GLN A 282 -12.87 -2.17 7.89
C GLN A 282 -13.12 -2.78 6.51
N GLU A 283 -12.29 -3.74 6.13
CA GLU A 283 -12.48 -4.45 4.87
C GLU A 283 -13.66 -5.41 4.97
N LYS A 284 -13.90 -5.96 6.16
CA LYS A 284 -15.09 -6.78 6.39
C LYS A 284 -16.35 -5.95 6.23
N ASP A 285 -16.33 -4.74 6.79
CA ASP A 285 -17.47 -3.83 6.68
C ASP A 285 -17.63 -3.34 5.24
N TRP A 286 -16.52 -3.34 4.50
CA TRP A 286 -16.55 -2.95 3.09
C TRP A 286 -17.24 -4.03 2.26
N ALA A 287 -16.97 -5.29 2.62
CA ALA A 287 -17.64 -6.42 1.99
C ALA A 287 -19.14 -6.29 2.16
N ASP A 288 -19.55 -5.86 3.35
CA ASP A 288 -20.95 -5.58 3.65
C ASP A 288 -21.52 -4.56 2.67
N TYR A 289 -20.76 -3.49 2.43
CA TYR A 289 -21.19 -2.43 1.53
C TYR A 289 -21.29 -2.92 0.08
N LEU A 290 -20.31 -3.70 -0.35
CA LEU A 290 -20.29 -4.24 -1.70
C LEU A 290 -21.51 -5.10 -2.00
N PHE A 291 -21.88 -5.94 -1.05
CA PHE A 291 -22.94 -6.94 -1.28
C PHE A 291 -24.26 -6.57 -0.60
N ARG A 292 -24.49 -5.28 -0.37
CA ARG A 292 -25.69 -4.83 0.33
C ARG A 292 -26.95 -5.05 -0.49
N ASP A 293 -26.83 -5.05 -1.81
CA ASP A 293 -27.97 -5.21 -2.70
C ASP A 293 -28.02 -6.60 -3.32
N GLY A 294 -27.20 -7.51 -2.80
CA GLY A 294 -27.12 -8.86 -3.31
C GLY A 294 -25.72 -9.21 -3.75
N SER A 295 -25.45 -10.50 -3.93
CA SER A 295 -24.13 -10.95 -4.32
C SER A 295 -24.12 -11.52 -5.74
N MET A 296 -23.05 -12.24 -6.07
CA MET A 296 -22.91 -12.85 -7.38
C MET A 296 -22.38 -14.26 -7.25
N ILE A 297 -22.37 -14.99 -8.36
CA ILE A 297 -21.82 -16.34 -8.41
C ILE A 297 -20.39 -16.37 -7.90
N GLY A 298 -20.15 -17.18 -6.86
CA GLY A 298 -18.80 -17.42 -6.38
C GLY A 298 -18.23 -16.37 -5.45
N LEU A 299 -19.01 -15.35 -5.12
CA LEU A 299 -18.54 -14.34 -4.18
C LEU A 299 -19.67 -13.62 -3.45
N ASN A 300 -19.64 -13.67 -2.12
CA ASN A 300 -20.59 -12.94 -1.30
C ASN A 300 -19.89 -12.38 -0.06
N LYS A 301 -20.66 -11.80 0.83
CA LYS A 301 -20.11 -11.16 2.02
C LYS A 301 -19.37 -12.17 2.91
N ASP A 302 -19.95 -13.34 3.07
CA ASP A 302 -19.39 -14.39 3.92
C ASP A 302 -18.05 -14.91 3.40
N ILE A 303 -18.01 -15.22 2.11
CA ILE A 303 -16.81 -15.75 1.49
C ILE A 303 -15.66 -14.74 1.51
N LEU A 304 -15.98 -13.49 1.18
CA LEU A 304 -14.96 -12.43 1.15
C LEU A 304 -14.41 -12.18 2.54
N CYS A 305 -15.28 -12.15 3.54
CA CYS A 305 -14.85 -11.96 4.93
C CYS A 305 -13.94 -13.09 5.41
N GLN A 306 -14.22 -14.31 4.95
CA GLN A 306 -13.33 -15.44 5.23
C GLN A 306 -11.95 -15.16 4.65
N TYR A 307 -11.90 -14.65 3.43
CA TYR A 307 -10.64 -14.37 2.76
C TYR A 307 -9.88 -13.27 3.50
N VAL A 308 -10.60 -12.27 4.00
CA VAL A 308 -10.00 -11.19 4.78
C VAL A 308 -9.22 -11.76 5.97
N GLU A 309 -9.85 -12.66 6.72
CA GLU A 309 -9.21 -13.26 7.88
C GLU A 309 -8.03 -14.13 7.47
N TYR A 310 -8.21 -14.90 6.40
CA TYR A 310 -7.17 -15.79 5.89
C TYR A 310 -5.92 -15.02 5.48
N ILE A 311 -6.11 -13.94 4.73
CA ILE A 311 -4.96 -13.16 4.25
C ILE A 311 -4.37 -12.31 5.38
N THR A 312 -5.21 -11.83 6.29
CA THR A 312 -4.75 -11.01 7.40
C THR A 312 -3.79 -11.79 8.31
N ASN A 313 -4.15 -13.03 8.61
CA ASN A 313 -3.29 -13.90 9.42
C ASN A 313 -1.90 -14.06 8.83
N ILE A 314 -1.85 -14.36 7.53
CA ILE A 314 -0.61 -14.53 6.81
C ILE A 314 0.29 -13.28 6.87
N ARG A 315 -0.27 -12.13 6.50
CA ARG A 315 0.49 -10.90 6.46
C ARG A 315 1.04 -10.51 7.84
N MET A 316 0.22 -10.70 8.87
CA MET A 316 0.61 -10.28 10.21
C MET A 316 1.73 -11.13 10.78
N GLN A 317 1.74 -12.42 10.46
CA GLN A 317 2.82 -13.30 10.88
C GLN A 317 4.12 -12.87 10.20
N ALA A 318 4.00 -12.42 8.95
CA ALA A 318 5.15 -12.01 8.17
C ALA A 318 5.87 -10.82 8.81
N VAL A 319 5.11 -9.99 9.55
CA VAL A 319 5.70 -8.82 10.20
C VAL A 319 5.77 -9.00 11.72
N GLY A 320 5.68 -10.25 12.18
CA GLY A 320 5.93 -10.58 13.57
C GLY A 320 4.82 -10.31 14.56
N LEU A 321 3.60 -10.12 14.06
CA LEU A 321 2.46 -9.84 14.92
C LEU A 321 1.65 -11.10 15.24
N ASP A 322 0.95 -11.08 16.37
CA ASP A 322 0.05 -12.18 16.73
C ASP A 322 -1.06 -12.32 15.70
N LEU A 323 -1.55 -13.53 15.52
CA LEU A 323 -2.67 -13.77 14.62
C LEU A 323 -3.98 -13.41 15.32
N PRO A 324 -4.81 -12.58 14.67
CA PRO A 324 -6.07 -12.10 15.24
C PRO A 324 -7.25 -13.03 14.97
N PHE A 325 -7.09 -13.99 14.07
CA PHE A 325 -8.18 -14.86 13.68
C PHE A 325 -7.82 -16.33 13.82
N GLN A 326 -8.86 -17.17 13.84
CA GLN A 326 -8.68 -18.62 13.83
C GLN A 326 -7.85 -19.03 12.61
N THR A 327 -6.99 -20.01 12.79
CA THR A 327 -6.25 -20.58 11.66
C THR A 327 -7.23 -21.23 10.69
N ARG A 328 -7.27 -20.73 9.47
CA ARG A 328 -8.18 -21.26 8.47
C ARG A 328 -7.45 -21.55 7.17
N SER A 329 -8.03 -22.44 6.36
CA SER A 329 -7.52 -22.70 5.03
C SER A 329 -8.01 -21.62 4.07
N ASN A 330 -7.53 -21.65 2.84
CA ASN A 330 -7.92 -20.65 1.84
C ASN A 330 -9.36 -20.87 1.38
N PRO A 331 -10.24 -19.91 1.68
CA PRO A 331 -11.66 -20.02 1.31
C PRO A 331 -11.90 -19.88 -0.19
N ILE A 332 -10.94 -19.29 -0.90
CA ILE A 332 -11.06 -19.15 -2.35
C ILE A 332 -9.79 -19.56 -3.09
N PRO A 333 -9.51 -20.87 -3.13
CA PRO A 333 -8.29 -21.37 -3.78
C PRO A 333 -8.21 -21.01 -5.28
N TRP A 334 -9.35 -20.68 -5.89
CA TRP A 334 -9.38 -20.34 -7.30
C TRP A 334 -8.63 -19.04 -7.59
N ILE A 335 -8.36 -18.26 -6.56
CA ILE A 335 -7.71 -16.96 -6.76
C ILE A 335 -6.22 -17.11 -7.10
N ASN A 336 -5.66 -18.25 -6.74
CA ASN A 336 -4.21 -18.47 -6.92
C ASN A 336 -3.80 -18.54 -8.39
N THR A 337 -4.73 -18.97 -9.24
CA THR A 337 -4.50 -18.97 -10.69
C THR A 337 -4.13 -17.57 -11.16
N TRP A 338 -4.85 -16.59 -10.62
CA TRP A 338 -4.72 -15.20 -11.06
C TRP A 338 -3.54 -14.49 -10.40
N LEU A 339 -3.22 -14.92 -9.18
CA LEU A 339 -2.13 -14.31 -8.43
C LEU A 339 -0.81 -15.05 -8.62
N VAL A 340 -0.46 -15.34 -9.86
CA VAL A 340 0.77 -16.08 -10.10
C VAL A 340 1.72 -15.35 -11.05
N SER A 341 3.02 -15.44 -10.74
CA SER A 341 4.07 -14.86 -11.55
C SER A 341 5.31 -15.75 -11.46
N ASP A 342 5.98 -15.96 -12.58
CA ASP A 342 7.16 -16.81 -12.62
C ASP A 342 8.39 -16.11 -12.05
N ASN A 343 8.33 -14.79 -11.95
CA ASN A 343 9.46 -14.00 -11.49
C ASN A 343 9.35 -13.60 -10.02
N VAL A 344 8.17 -13.75 -9.45
CA VAL A 344 7.95 -13.45 -8.03
C VAL A 344 6.70 -14.16 -7.53
N GLN A 345 6.73 -14.59 -6.27
CA GLN A 345 5.56 -15.23 -5.68
C GLN A 345 4.51 -14.20 -5.33
N VAL A 346 3.45 -14.13 -6.13
CA VAL A 346 2.37 -13.18 -5.91
C VAL A 346 1.33 -13.73 -4.93
FE1 FEO B . 1.24 -0.94 -4.39
FE2 FEO B . -0.69 -0.11 -6.78
O FEO B . 0.44 -1.30 -5.98
S SO4 C . -26.65 -13.40 -1.33
O1 SO4 C . -26.80 -12.82 -2.67
O2 SO4 C . -27.35 -12.55 -0.36
O3 SO4 C . -25.24 -13.49 -0.97
O4 SO4 C . -27.24 -14.74 -1.31
S SO4 D . -18.48 1.70 6.77
O1 SO4 D . -18.14 2.75 5.81
O2 SO4 D . -19.81 1.17 6.46
O3 SO4 D . -18.48 2.26 8.12
O4 SO4 D . -17.49 0.63 6.69
S SO4 E . 4.93 -13.41 -15.66
O1 SO4 E . 5.68 -12.70 -14.61
O2 SO4 E . 5.15 -12.74 -16.94
O3 SO4 E . 5.40 -14.78 -15.75
O4 SO4 E . 3.50 -13.38 -15.35
S SO4 F . -24.54 4.89 -3.13
O1 SO4 F . -25.50 5.48 -2.20
O2 SO4 F . -23.96 5.93 -3.97
O3 SO4 F . -23.49 4.21 -2.39
O4 SO4 F . -25.24 3.92 -3.98
#